data_1OLT
#
_entry.id   1OLT
#
_cell.length_a   114.036
_cell.length_b   114.036
_cell.length_c   76.459
_cell.angle_alpha   90.00
_cell.angle_beta   90.00
_cell.angle_gamma   120.00
#
_symmetry.space_group_name_H-M   'P 63'
#
loop_
_entity.id
_entity.type
_entity.pdbx_description
1 polymer 'OXYGEN-INDEPENDENT COPROPORPHYRINOGEN III OXIDASE'
2 non-polymer 'IRON/SULFUR CLUSTER'
3 non-polymer S-ADENOSYLMETHIONINE
4 water water
#
_entity_poly.entity_id   1
_entity_poly.type   'polypeptide(L)'
_entity_poly.pdbx_seq_one_letter_code
;MSVQQIDWDLALIQKYNYSGPRYTSYPTALEFSEDFGEQAFLQAVARYPERPLSLYVHIPFCHKLCYFCGCNKIVTRQQH
KADQYLDALEQEIVHRAPLFAGRHVSQLHWGGGTPTYLNKAQISRLMKLLRENFQFNADAEISIEVDPREIELDVLDHLR
AEGFNRLSMGVQDFNKEVQRLVNREQDEEFIFALLNHAREIGFTSTNIDLIYGLPKQTPESFAFTLKRVAELNPDRLSVF
NYAHLPTIFAAQRKIKDADLPSPQQKLDILQETIAFLTQSGYQFIGMDHFARPDDELAVAQREGVLHRNFQGYTTQGDTD
LLGMGVSAISMIGDCYAQNQKELKQYYQQVDEQGNALWRGIALTRDDCIRRDVIKSLICNFRLDYSPIEQQWDLLFADYF
AEDLKLLAPLAKDGLVDVDEKGIQVTAKGRLLIRNICMCFDTYLRQKARMQQFSRVI
;
_entity_poly.pdbx_strand_id   A
#
# COMPACT_ATOMS: atom_id res chain seq x y z
N GLN A 4 -9.19 21.99 6.63
CA GLN A 4 -8.86 20.98 5.63
C GLN A 4 -9.57 21.29 4.30
N GLN A 5 -9.26 20.53 3.25
CA GLN A 5 -9.89 20.70 1.95
C GLN A 5 -11.08 19.76 1.77
N ILE A 6 -11.08 18.60 2.43
CA ILE A 6 -12.33 17.81 2.51
C ILE A 6 -13.42 18.61 3.25
N ASP A 7 -14.66 18.48 2.81
N ASP A 7 -14.66 18.37 2.84
CA ASP A 7 -15.79 19.04 3.52
CA ASP A 7 -15.85 19.02 3.39
C ASP A 7 -16.67 17.85 3.89
C ASP A 7 -16.76 17.89 3.87
N TRP A 8 -16.75 17.60 5.18
CA TRP A 8 -17.48 16.46 5.72
C TRP A 8 -18.99 16.63 5.58
N ASP A 9 -19.66 15.61 5.06
CA ASP A 9 -21.13 15.60 4.88
C ASP A 9 -21.74 14.27 5.34
N LEU A 10 -22.15 14.20 6.61
CA LEU A 10 -22.71 12.95 7.21
C LEU A 10 -23.72 12.23 6.32
N ALA A 11 -24.62 13.00 5.70
CA ALA A 11 -25.71 12.43 4.91
C ALA A 11 -25.19 11.77 3.64
N LEU A 12 -24.29 12.44 2.91
CA LEU A 12 -23.72 11.84 1.71
C LEU A 12 -22.95 10.57 2.08
N ILE A 13 -22.27 10.61 3.23
CA ILE A 13 -21.48 9.49 3.75
C ILE A 13 -22.39 8.40 4.34
N LYS A 15 -25.78 8.13 2.86
CA LYS A 15 -25.10 6.85 2.96
C LYS A 15 -24.71 6.35 1.57
N TYR A 16 -23.48 6.62 1.16
CA TYR A 16 -22.97 6.05 -0.08
C TYR A 16 -22.18 4.78 0.21
N TYR A 23 -9.76 0.08 -4.27
N TYR A 23 -9.08 0.98 -3.30
CA TYR A 23 -9.21 -0.30 -5.57
CA TYR A 23 -8.20 0.59 -4.40
C TYR A 23 -7.70 -0.48 -5.47
C TYR A 23 -7.27 -0.50 -3.93
N THR A 24 -7.37 -1.64 -4.88
N THR A 24 -7.15 -1.48 -4.81
CA THR A 24 -6.02 -2.15 -4.66
CA THR A 24 -6.48 -2.69 -4.54
C THR A 24 -5.15 -1.94 -5.90
C THR A 24 -5.46 -2.80 -5.70
N SER A 25 -5.50 -2.71 -6.93
N SER A 25 -5.89 -2.28 -6.85
CA SER A 25 -5.15 -2.43 -8.32
CA SER A 25 -5.30 -2.48 -8.18
C SER A 25 -6.42 -2.62 -9.15
C SER A 25 -6.50 -2.58 -9.14
N TYR A 26 -6.32 -2.27 -10.42
CA TYR A 26 -7.38 -2.58 -11.40
C TYR A 26 -6.79 -3.17 -12.64
N PRO A 27 -7.28 -4.34 -13.10
CA PRO A 27 -8.28 -5.17 -12.38
C PRO A 27 -7.78 -5.69 -11.05
N THR A 28 -8.72 -6.19 -10.26
CA THR A 28 -8.38 -6.63 -8.91
C THR A 28 -7.83 -8.04 -8.94
N ALA A 29 -7.34 -8.45 -7.76
CA ALA A 29 -6.86 -9.83 -7.49
C ALA A 29 -7.96 -10.91 -7.69
N LEU A 30 -9.25 -10.55 -7.58
CA LEU A 30 -10.33 -11.50 -7.93
C LEU A 30 -10.18 -12.03 -9.35
N GLU A 31 -9.64 -11.20 -10.24
CA GLU A 31 -9.52 -11.58 -11.64
C GLU A 31 -8.24 -12.35 -12.00
N PHE A 32 -7.35 -12.59 -11.04
CA PHE A 32 -6.08 -13.29 -11.35
C PHE A 32 -6.41 -14.74 -11.63
N SER A 33 -5.78 -15.34 -12.62
CA SER A 33 -6.07 -16.71 -13.00
C SER A 33 -4.78 -17.57 -13.06
N GLU A 34 -4.91 -18.82 -12.66
CA GLU A 34 -3.79 -19.75 -12.65
C GLU A 34 -3.38 -20.19 -14.04
N ASP A 35 -4.17 -19.79 -15.04
CA ASP A 35 -3.88 -20.04 -16.43
C ASP A 35 -2.77 -19.16 -16.97
N PHE A 36 -2.55 -18.03 -16.31
CA PHE A 36 -1.43 -17.12 -16.59
C PHE A 36 -0.11 -17.77 -16.20
N GLY A 37 0.66 -18.10 -17.20
CA GLY A 37 1.83 -18.88 -17.03
C GLY A 37 3.12 -18.14 -17.37
N GLU A 38 4.16 -18.94 -17.46
CA GLU A 38 5.49 -18.46 -17.60
C GLU A 38 5.68 -17.74 -18.88
N GLN A 39 5.02 -18.15 -19.96
N GLN A 39 5.00 -18.21 -19.91
CA GLN A 39 5.29 -17.44 -21.17
CA GLN A 39 5.08 -17.61 -21.23
C GLN A 39 4.69 -16.03 -21.06
C GLN A 39 4.52 -16.18 -21.28
N ALA A 40 3.49 -15.92 -20.48
CA ALA A 40 2.81 -14.63 -20.44
C ALA A 40 3.68 -13.71 -19.66
N PHE A 41 4.34 -14.27 -18.64
CA PHE A 41 5.21 -13.48 -17.82
C PHE A 41 6.40 -12.98 -18.64
N LEU A 42 6.99 -13.87 -19.41
CA LEU A 42 8.14 -13.47 -20.21
C LEU A 42 7.74 -12.44 -21.28
N GLN A 43 6.57 -12.59 -21.89
CA GLN A 43 6.07 -11.57 -22.84
C GLN A 43 5.88 -10.23 -22.13
N ALA A 44 5.47 -10.25 -20.84
CA ALA A 44 5.28 -9.01 -20.10
C ALA A 44 6.62 -8.32 -19.86
N VAL A 45 7.62 -9.12 -19.50
CA VAL A 45 8.94 -8.58 -19.18
C VAL A 45 9.54 -7.96 -20.45
N ALA A 46 9.25 -8.50 -21.61
CA ALA A 46 9.81 -7.95 -22.84
C ALA A 46 9.06 -6.72 -23.40
N ARG A 47 7.94 -6.34 -22.80
N ARG A 47 7.95 -6.34 -22.78
N ARG A 47 7.96 -6.34 -22.77
CA ARG A 47 7.07 -5.32 -23.38
CA ARG A 47 7.07 -5.31 -23.34
CA ARG A 47 7.08 -5.32 -23.34
C ARG A 47 7.69 -3.92 -23.31
C ARG A 47 7.72 -3.93 -23.32
C ARG A 47 7.72 -3.93 -23.32
N TYR A 48 8.28 -3.55 -22.17
CA TYR A 48 8.89 -2.20 -21.98
C TYR A 48 10.33 -2.25 -21.48
N PRO A 49 11.28 -2.62 -22.35
CA PRO A 49 12.67 -2.82 -21.88
C PRO A 49 13.40 -1.59 -21.26
N GLU A 50 12.84 -0.42 -21.45
N GLU A 50 12.89 -0.37 -21.43
CA GLU A 50 13.41 0.86 -21.06
CA GLU A 50 13.61 0.81 -20.93
C GLU A 50 13.03 1.20 -19.61
C GLU A 50 12.93 1.40 -19.70
N ARG A 51 11.82 0.77 -19.27
CA ARG A 51 11.12 1.26 -18.14
C ARG A 51 11.94 1.04 -16.84
N PRO A 52 11.96 2.05 -16.01
CA PRO A 52 12.56 1.88 -14.70
C PRO A 52 11.94 0.64 -13.96
N LEU A 53 12.73 0.03 -13.09
CA LEU A 53 12.33 -1.14 -12.34
C LEU A 53 12.22 -0.77 -10.88
N SER A 54 11.12 -1.18 -10.29
CA SER A 54 10.87 -1.17 -8.86
C SER A 54 10.84 -2.62 -8.35
N LEU A 55 11.38 -2.85 -7.17
CA LEU A 55 11.45 -4.16 -6.59
C LEU A 55 10.66 -4.18 -5.30
N TYR A 56 9.88 -5.24 -5.09
CA TYR A 56 9.19 -5.50 -3.83
C TYR A 56 9.64 -6.89 -3.32
N VAL A 57 10.04 -7.00 -2.05
CA VAL A 57 10.31 -8.28 -1.43
C VAL A 57 9.38 -8.48 -0.20
N HIS A 58 8.65 -9.59 -0.18
CA HIS A 58 7.77 -9.94 0.90
C HIS A 58 8.59 -10.75 1.93
N ILE A 59 8.58 -10.32 3.16
CA ILE A 59 9.21 -11.01 4.26
C ILE A 59 8.06 -11.39 5.21
N PRO A 60 7.65 -12.65 5.25
CA PRO A 60 6.39 -12.93 5.91
C PRO A 60 6.41 -13.08 7.43
N PHE A 61 7.56 -13.22 8.04
CA PHE A 61 7.64 -13.64 9.41
C PHE A 61 7.36 -12.51 10.41
N CYS A 62 6.63 -12.86 11.47
CA CYS A 62 6.42 -11.98 12.61
C CYS A 62 6.73 -12.73 13.92
N HIS A 63 7.13 -11.98 14.94
CA HIS A 63 7.46 -12.56 16.26
C HIS A 63 6.21 -13.06 17.01
N LYS A 64 5.08 -12.34 16.83
CA LYS A 64 3.93 -12.47 17.71
C LYS A 64 2.59 -12.19 16.96
N LEU A 65 1.52 -12.80 17.36
CA LEU A 65 0.25 -12.75 16.60
C LEU A 65 -0.61 -11.54 17.01
N CYS A 66 -0.62 -10.48 16.17
CA CYS A 66 -1.52 -9.39 16.36
C CYS A 66 -2.91 -9.90 15.97
N TYR A 67 -3.89 -9.77 16.85
CA TYR A 67 -5.22 -10.33 16.60
C TYR A 67 -6.03 -9.61 15.51
N PHE A 68 -5.73 -8.35 15.21
CA PHE A 68 -6.42 -7.59 14.14
C PHE A 68 -5.88 -7.92 12.75
N CYS A 69 -4.73 -8.58 12.66
CA CYS A 69 -3.97 -8.52 11.43
C CYS A 69 -4.49 -9.36 10.29
N GLY A 70 -4.63 -8.72 9.10
CA GLY A 70 -5.12 -9.32 7.89
C GLY A 70 -4.04 -9.51 6.83
N CYS A 71 -2.77 -9.29 7.18
N CYS A 71 -2.81 -9.23 7.21
CA CYS A 71 -1.67 -9.34 6.18
CA CYS A 71 -1.74 -9.29 6.28
C CYS A 71 -1.31 -10.81 5.83
C CYS A 71 -1.41 -10.76 6.05
N ASN A 72 -0.60 -11.03 4.70
N ASN A 72 -0.69 -10.99 4.97
CA ASN A 72 0.01 -12.31 4.43
CA ASN A 72 -0.20 -12.30 4.58
C ASN A 72 1.29 -12.37 5.33
C ASN A 72 1.13 -12.55 5.33
N LYS A 73 1.22 -13.18 6.38
N LYS A 73 1.04 -13.03 6.56
CA LYS A 73 2.26 -13.23 7.39
CA LYS A 73 2.23 -13.23 7.38
C LYS A 73 2.24 -14.59 8.09
C LYS A 73 2.27 -14.65 8.02
N ILE A 74 3.37 -14.95 8.71
CA ILE A 74 3.57 -16.21 9.43
C ILE A 74 4.21 -15.88 10.76
N VAL A 75 3.52 -16.12 11.86
CA VAL A 75 4.02 -15.86 13.17
C VAL A 75 4.82 -17.10 13.59
N THR A 76 6.08 -16.92 13.96
CA THR A 76 6.89 -18.02 14.39
C THR A 76 8.05 -17.53 15.23
N ARG A 77 8.39 -18.35 16.22
CA ARG A 77 9.57 -18.15 17.01
C ARG A 77 10.79 -18.94 16.47
N GLN A 78 10.55 -19.77 15.45
CA GLN A 78 11.62 -20.56 14.83
C GLN A 78 12.40 -19.67 13.87
N GLN A 79 13.31 -18.90 14.42
CA GLN A 79 13.99 -17.83 13.69
C GLN A 79 14.81 -18.34 12.48
N HIS A 80 15.31 -19.59 12.59
CA HIS A 80 15.96 -20.26 11.50
C HIS A 80 15.12 -20.34 10.20
N LYS A 81 13.81 -20.16 10.31
CA LYS A 81 12.97 -20.08 9.10
C LYS A 81 13.36 -18.91 8.23
N ALA A 82 13.91 -17.87 8.83
CA ALA A 82 14.30 -16.72 8.05
C ALA A 82 15.51 -17.08 7.15
N ASP A 83 16.42 -17.90 7.69
CA ASP A 83 17.58 -18.37 6.86
C ASP A 83 17.14 -19.24 5.70
N GLN A 84 16.18 -20.15 5.95
CA GLN A 84 15.60 -20.99 4.93
C GLN A 84 14.89 -20.12 3.86
N TYR A 85 14.21 -19.08 4.30
CA TYR A 85 13.50 -18.23 3.39
C TYR A 85 14.45 -17.44 2.49
N LEU A 86 15.53 -16.90 3.04
CA LEU A 86 16.53 -16.24 2.24
C LEU A 86 17.25 -17.22 1.33
N ASP A 87 17.34 -18.51 1.70
CA ASP A 87 17.87 -19.52 0.75
C ASP A 87 16.98 -19.55 -0.49
N ALA A 88 15.66 -19.52 -0.28
CA ALA A 88 14.69 -19.57 -1.40
C ALA A 88 14.68 -18.28 -2.22
N LEU A 89 14.75 -17.15 -1.57
CA LEU A 89 14.86 -15.84 -2.21
C LEU A 89 16.11 -15.75 -3.07
N GLU A 90 17.23 -16.26 -2.55
CA GLU A 90 18.44 -16.36 -3.38
C GLU A 90 18.19 -17.07 -4.73
N GLN A 91 17.53 -18.21 -4.66
CA GLN A 91 17.24 -18.98 -5.87
C GLN A 91 16.24 -18.21 -6.78
N GLU A 92 15.24 -17.59 -6.19
CA GLU A 92 14.30 -16.80 -6.99
C GLU A 92 15.04 -15.63 -7.71
N ILE A 93 15.90 -14.96 -6.99
CA ILE A 93 16.62 -13.83 -7.48
C ILE A 93 17.56 -14.28 -8.60
N VAL A 94 18.24 -15.37 -8.35
CA VAL A 94 19.20 -15.92 -9.31
C VAL A 94 18.53 -16.31 -10.64
N HIS A 95 17.29 -16.80 -10.58
CA HIS A 95 16.55 -17.15 -11.76
C HIS A 95 15.83 -15.96 -12.48
N ARG A 96 15.29 -15.00 -11.74
CA ARG A 96 14.50 -13.90 -12.31
C ARG A 96 15.34 -12.71 -12.72
N ALA A 97 16.34 -12.41 -11.94
CA ALA A 97 17.16 -11.23 -12.19
C ALA A 97 17.83 -11.10 -13.58
N PRO A 98 18.34 -12.18 -14.20
CA PRO A 98 18.87 -12.04 -15.56
C PRO A 98 17.85 -11.54 -16.58
N LEU A 99 16.57 -11.74 -16.33
CA LEU A 99 15.51 -11.22 -17.22
C LEU A 99 15.51 -9.67 -17.23
N PHE A 100 16.10 -9.06 -16.21
CA PHE A 100 16.10 -7.62 -16.03
C PHE A 100 17.48 -6.99 -16.08
N ALA A 101 18.46 -7.69 -16.69
CA ALA A 101 19.86 -7.23 -16.74
C ALA A 101 20.06 -5.83 -17.31
N GLY A 102 19.27 -5.45 -18.30
CA GLY A 102 19.35 -4.06 -18.81
C GLY A 102 18.65 -2.94 -18.00
N ARG A 103 18.01 -3.29 -16.88
N ARG A 103 18.08 -3.27 -16.85
CA ARG A 103 17.16 -2.34 -16.18
CA ARG A 103 17.19 -2.35 -16.18
C ARG A 103 17.96 -1.60 -15.14
C ARG A 103 17.94 -1.62 -15.09
N HIS A 104 17.36 -0.49 -14.69
CA HIS A 104 17.88 0.34 -13.63
C HIS A 104 16.80 0.43 -12.58
N VAL A 105 17.16 0.14 -11.34
CA VAL A 105 16.23 0.03 -10.23
C VAL A 105 16.15 1.41 -9.56
N SER A 106 14.95 1.98 -9.52
CA SER A 106 14.70 3.26 -8.91
C SER A 106 14.05 3.14 -7.54
N GLN A 107 13.64 1.92 -7.20
N GLN A 107 13.55 1.96 -7.21
CA GLN A 107 12.81 1.71 -6.00
CA GLN A 107 13.01 1.76 -5.86
C GLN A 107 12.93 0.26 -5.45
C GLN A 107 12.95 0.31 -5.43
N LEU A 108 13.10 0.12 -4.12
CA LEU A 108 13.04 -1.17 -3.46
C LEU A 108 12.28 -0.97 -2.17
N HIS A 109 11.35 -1.88 -1.88
CA HIS A 109 10.66 -1.91 -0.63
C HIS A 109 10.54 -3.35 -0.12
N TRP A 110 10.74 -3.48 1.18
CA TRP A 110 10.50 -4.72 1.86
C TRP A 110 9.23 -4.51 2.72
N GLY A 111 8.28 -5.42 2.53
CA GLY A 111 7.04 -5.43 3.23
C GLY A 111 6.82 -6.80 3.88
N GLY A 112 5.65 -6.97 4.43
CA GLY A 112 5.36 -8.25 5.09
C GLY A 112 4.01 -8.25 5.78
N GLY A 113 3.89 -8.93 6.96
CA GLY A 113 4.94 -9.50 7.71
C GLY A 113 5.80 -8.44 8.29
N THR A 114 6.92 -8.86 8.89
CA THR A 114 7.81 -7.98 9.55
C THR A 114 9.21 -8.07 8.96
N PRO A 115 9.57 -7.18 8.04
CA PRO A 115 10.93 -7.21 7.48
C PRO A 115 12.06 -7.20 8.49
N THR A 116 11.88 -6.49 9.60
CA THR A 116 12.86 -6.46 10.68
C THR A 116 12.87 -7.67 11.61
N TYR A 117 12.10 -8.69 11.26
CA TYR A 117 12.31 -10.02 11.78
C TYR A 117 13.73 -10.52 11.42
N LEU A 118 14.17 -10.13 10.20
CA LEU A 118 15.54 -10.41 9.78
C LEU A 118 16.55 -9.72 10.70
N ASN A 119 17.51 -10.49 11.20
CA ASN A 119 18.58 -9.93 11.96
C ASN A 119 19.59 -9.13 11.06
N LYS A 120 20.59 -8.49 11.64
CA LYS A 120 21.55 -7.70 10.84
C LYS A 120 22.25 -8.45 9.75
N ALA A 121 22.71 -9.68 10.07
CA ALA A 121 23.37 -10.52 9.05
C ALA A 121 22.42 -10.90 7.91
N GLN A 122 21.20 -11.24 8.22
CA GLN A 122 20.18 -11.56 7.22
C GLN A 122 19.80 -10.34 6.33
N ILE A 123 19.64 -9.19 6.95
CA ILE A 123 19.38 -7.94 6.22
C ILE A 123 20.51 -7.75 5.24
N SER A 124 21.75 -7.87 5.73
CA SER A 124 22.90 -7.68 4.84
C SER A 124 22.95 -8.68 3.71
N ARG A 125 22.65 -9.93 4.06
CA ARG A 125 22.65 -10.98 3.04
C ARG A 125 21.64 -10.68 1.88
N LEU A 126 20.43 -10.31 2.23
CA LEU A 126 19.45 -10.04 1.24
C LEU A 126 19.78 -8.83 0.42
N MET A 127 20.20 -7.73 1.06
N MET A 127 20.31 -7.77 1.03
CA MET A 127 20.56 -6.54 0.31
CA MET A 127 20.73 -6.62 0.25
C MET A 127 21.68 -6.81 -0.69
C MET A 127 21.98 -6.94 -0.61
N LYS A 128 22.65 -7.61 -0.26
N LYS A 128 22.90 -7.81 -0.15
CA LYS A 128 23.79 -7.98 -1.09
CA LYS A 128 23.98 -8.18 -1.03
C LYS A 128 23.33 -8.80 -2.30
C LYS A 128 23.40 -8.85 -2.28
N LEU A 129 22.41 -9.73 -2.10
CA LEU A 129 21.85 -10.50 -3.23
C LEU A 129 21.17 -9.57 -4.26
N LEU A 130 20.45 -8.58 -3.75
CA LEU A 130 19.67 -7.66 -4.60
C LEU A 130 20.65 -6.75 -5.37
N ARG A 131 21.64 -6.16 -4.67
CA ARG A 131 22.61 -5.22 -5.25
C ARG A 131 23.50 -5.89 -6.28
N GLU A 132 23.84 -7.14 -6.05
CA GLU A 132 24.70 -7.83 -6.99
C GLU A 132 23.95 -8.39 -8.16
N ASN A 133 22.64 -8.50 -8.09
CA ASN A 133 21.89 -9.08 -9.20
C ASN A 133 21.02 -8.12 -10.01
N PHE A 134 20.82 -6.92 -9.47
CA PHE A 134 20.12 -5.84 -10.16
C PHE A 134 20.99 -4.59 -10.08
N GLN A 135 20.86 -3.72 -11.06
CA GLN A 135 21.53 -2.45 -11.09
C GLN A 135 20.71 -1.34 -10.42
N PHE A 136 21.16 -0.89 -9.25
CA PHE A 136 20.45 0.11 -8.46
C PHE A 136 20.90 1.49 -8.85
N ASN A 137 19.95 2.40 -9.06
CA ASN A 137 20.30 3.81 -9.21
C ASN A 137 20.90 4.28 -7.84
N ALA A 138 21.85 5.18 -7.91
CA ALA A 138 22.49 5.71 -6.71
C ALA A 138 21.51 6.45 -5.78
N ASP A 139 20.47 7.04 -6.39
CA ASP A 139 19.42 7.73 -5.63
C ASP A 139 18.13 6.95 -5.54
N ALA A 140 18.20 5.61 -5.64
CA ALA A 140 17.02 4.79 -5.42
C ALA A 140 16.36 5.05 -4.07
N GLU A 141 15.07 4.74 -4.00
N GLU A 141 15.09 5.29 -4.12
CA GLU A 141 14.22 4.96 -2.82
CA GLU A 141 14.26 5.08 -2.90
C GLU A 141 14.22 3.58 -2.28
C GLU A 141 14.37 3.61 -2.37
N ILE A 142 14.76 3.41 -1.09
CA ILE A 142 14.94 2.07 -0.47
C ILE A 142 14.25 2.06 0.92
N SER A 143 13.13 1.37 1.02
CA SER A 143 12.24 1.46 2.16
C SER A 143 11.95 0.11 2.79
N ILE A 144 11.55 0.17 4.04
CA ILE A 144 11.29 -1.03 4.80
C ILE A 144 10.25 -0.69 5.88
N GLU A 145 9.46 -1.70 6.23
CA GLU A 145 8.54 -1.65 7.35
C GLU A 145 9.09 -2.27 8.59
N VAL A 146 8.76 -1.67 9.74
CA VAL A 146 9.46 -1.96 11.00
C VAL A 146 8.42 -2.14 12.08
N ASP A 147 8.48 -3.24 12.79
CA ASP A 147 7.68 -3.45 14.01
C ASP A 147 8.52 -2.92 15.21
N PRO A 148 8.00 -1.99 16.00
CA PRO A 148 8.82 -1.38 17.08
C PRO A 148 8.80 -2.24 18.39
N ARG A 149 8.99 -3.53 18.25
CA ARG A 149 9.07 -4.50 19.35
C ARG A 149 10.19 -5.45 19.02
N GLU A 150 10.85 -5.96 20.05
CA GLU A 150 11.95 -6.95 19.89
C GLU A 150 12.99 -6.51 18.84
N ILE A 151 13.39 -5.26 18.97
CA ILE A 151 14.36 -4.71 18.03
C ILE A 151 15.22 -3.74 18.82
N GLU A 152 16.50 -3.64 18.48
N GLU A 152 16.51 -3.66 18.51
CA GLU A 152 17.39 -2.69 19.13
CA GLU A 152 17.44 -2.73 19.16
C GLU A 152 17.50 -1.44 18.23
C GLU A 152 17.52 -1.47 18.25
N LEU A 153 17.70 -0.29 18.84
CA LEU A 153 17.86 0.96 18.08
C LEU A 153 18.97 0.86 17.02
N ASP A 154 20.08 0.14 17.29
CA ASP A 154 21.16 0.07 16.31
C ASP A 154 20.84 -0.68 15.06
N VAL A 155 19.72 -1.40 14.99
CA VAL A 155 19.26 -1.96 13.72
C VAL A 155 18.97 -0.83 12.70
N LEU A 156 18.50 0.33 13.16
CA LEU A 156 18.28 1.47 12.27
C LEU A 156 19.59 1.97 11.67
N ASP A 157 20.67 2.06 12.48
CA ASP A 157 21.97 2.42 11.93
C ASP A 157 22.42 1.39 10.86
N HIS A 158 22.18 0.14 11.11
CA HIS A 158 22.54 -0.90 10.16
C HIS A 158 21.75 -0.77 8.87
N LEU A 159 20.43 -0.52 8.96
CA LEU A 159 19.61 -0.30 7.76
C LEU A 159 20.13 0.89 6.95
N ARG A 160 20.41 1.96 7.64
CA ARG A 160 21.01 3.10 7.00
C ARG A 160 22.33 2.78 6.28
N ALA A 161 23.20 2.01 6.94
CA ALA A 161 24.49 1.64 6.33
C ALA A 161 24.23 0.76 5.12
N GLU A 162 23.16 0.00 5.13
CA GLU A 162 22.77 -0.83 3.97
C GLU A 162 22.05 -0.06 2.88
N GLY A 163 21.76 1.22 3.09
CA GLY A 163 21.29 2.10 2.05
C GLY A 163 19.78 2.36 2.19
N PHE A 164 19.16 1.86 3.25
CA PHE A 164 17.73 2.21 3.46
C PHE A 164 17.60 3.69 3.77
N ASN A 165 16.64 4.36 3.13
CA ASN A 165 16.41 5.81 3.36
C ASN A 165 14.97 6.21 3.73
N ARG A 166 14.08 5.22 3.72
N ARG A 166 14.06 5.23 3.87
CA ARG A 166 12.74 5.41 4.16
CA ARG A 166 12.71 5.50 4.40
C ARG A 166 12.25 4.26 4.99
C ARG A 166 12.16 4.37 5.29
N LEU A 167 11.46 4.57 6.01
N LEU A 167 11.33 4.74 6.26
CA LEU A 167 10.84 3.54 6.82
CA LEU A 167 10.79 3.75 7.18
C LEU A 167 9.37 3.86 7.19
C LEU A 167 9.30 3.90 7.22
N SER A 168 8.64 2.78 7.48
CA SER A 168 7.27 2.79 7.93
C SER A 168 7.26 1.94 9.20
N MET A 169 6.53 2.41 10.22
CA MET A 169 6.49 1.75 11.48
C MET A 169 5.06 1.57 11.90
N GLY A 170 4.70 0.35 12.24
CA GLY A 170 3.39 0.07 12.77
C GLY A 170 3.25 0.55 14.20
N VAL A 171 2.19 1.27 14.49
CA VAL A 171 1.85 1.64 15.88
C VAL A 171 0.46 1.12 16.29
N GLN A 172 -0.51 1.29 15.39
CA GLN A 172 -1.87 0.87 15.52
C GLN A 172 -2.66 1.71 16.51
N ASP A 173 -2.27 1.70 17.77
CA ASP A 173 -2.84 2.58 18.79
C ASP A 173 -1.84 2.60 19.97
N PHE A 174 -1.75 3.74 20.65
CA PHE A 174 -1.04 3.86 21.92
C PHE A 174 -1.86 3.47 23.17
N ASN A 175 -3.17 3.37 23.01
CA ASN A 175 -4.05 3.00 24.12
C ASN A 175 -3.75 1.57 24.63
N LYS A 176 -3.44 1.48 25.90
CA LYS A 176 -2.99 0.25 26.51
C LYS A 176 -4.06 -0.88 26.57
N GLU A 177 -5.31 -0.53 26.81
CA GLU A 177 -6.41 -1.52 26.79
C GLU A 177 -6.59 -2.08 25.39
N VAL A 178 -6.58 -1.22 24.38
CA VAL A 178 -6.69 -1.64 23.01
C VAL A 178 -5.53 -2.60 22.65
N GLN A 179 -4.31 -2.23 23.04
CA GLN A 179 -3.11 -3.07 22.81
C GLN A 179 -3.28 -4.46 23.42
N ARG A 180 -3.79 -4.49 24.64
N ARG A 180 -3.76 -4.54 24.66
CA ARG A 180 -3.96 -5.75 25.32
CA ARG A 180 -3.93 -5.84 25.30
C ARG A 180 -4.99 -6.62 24.60
C ARG A 180 -5.02 -6.67 24.62
N LEU A 181 -6.11 -6.01 24.20
CA LEU A 181 -7.16 -6.74 23.45
C LEU A 181 -6.77 -7.28 22.08
N VAL A 182 -5.72 -6.72 21.47
CA VAL A 182 -5.27 -7.19 20.18
C VAL A 182 -3.89 -7.80 20.24
N ASN A 183 -3.37 -8.05 21.45
CA ASN A 183 -2.06 -8.67 21.62
C ASN A 183 -0.95 -7.91 20.97
N ARG A 184 -0.96 -6.58 21.12
CA ARG A 184 0.09 -5.75 20.59
C ARG A 184 0.62 -4.75 21.65
N GLU A 185 0.89 -5.29 22.83
CA GLU A 185 1.52 -4.54 23.88
C GLU A 185 2.88 -4.05 23.33
N GLN A 186 3.14 -2.78 23.52
CA GLN A 186 4.35 -2.14 23.05
C GLN A 186 4.70 -0.95 23.96
N ASP A 187 5.99 -0.68 23.97
CA ASP A 187 6.49 0.32 24.92
C ASP A 187 6.49 1.69 24.24
N GLU A 188 5.68 2.62 24.74
CA GLU A 188 5.50 3.93 24.11
C GLU A 188 6.83 4.70 24.10
N GLU A 189 7.59 4.61 25.17
CA GLU A 189 8.88 5.30 25.23
C GLU A 189 9.82 4.79 24.20
N PHE A 190 9.78 3.49 23.96
CA PHE A 190 10.63 2.92 22.95
C PHE A 190 10.19 3.33 21.53
N ILE A 191 8.89 3.41 21.29
CA ILE A 191 8.43 3.92 20.00
C ILE A 191 8.96 5.30 19.71
N PHE A 192 8.88 6.19 20.69
CA PHE A 192 9.43 7.55 20.55
C PHE A 192 10.95 7.50 20.34
N ALA A 193 11.65 6.66 21.11
CA ALA A 193 13.09 6.56 20.93
C ALA A 193 13.46 6.09 19.51
N LEU A 194 12.74 5.13 19.02
CA LEU A 194 13.04 4.55 17.76
C LEU A 194 12.81 5.55 16.63
N LEU A 195 11.66 6.22 16.65
CA LEU A 195 11.37 7.19 15.57
C LEU A 195 12.28 8.40 15.62
N ASN A 196 12.54 8.91 16.80
N ASN A 196 12.56 8.91 16.83
CA ASN A 196 13.46 10.02 16.92
CA ASN A 196 13.55 9.98 17.04
C ASN A 196 14.94 9.65 16.53
C ASN A 196 14.91 9.63 16.47
N HIS A 197 15.38 8.43 16.80
CA HIS A 197 16.66 7.95 16.35
C HIS A 197 16.68 7.84 14.79
N ALA A 198 15.60 7.35 14.21
CA ALA A 198 15.48 7.24 12.77
C ALA A 198 15.68 8.63 12.16
N ARG A 199 15.03 9.63 12.71
CA ARG A 199 15.14 11.00 12.24
C ARG A 199 16.57 11.54 12.41
N GLU A 200 17.16 11.28 13.57
N GLU A 200 17.17 11.29 13.58
CA GLU A 200 18.49 11.74 13.86
CA GLU A 200 18.50 11.77 13.87
C GLU A 200 19.56 11.18 12.92
C GLU A 200 19.58 11.17 12.94
N ILE A 201 19.39 9.96 12.44
CA ILE A 201 20.38 9.36 11.53
C ILE A 201 20.01 9.53 10.03
N GLY A 202 19.01 10.35 9.74
CA GLY A 202 18.79 10.77 8.36
C GLY A 202 17.64 10.07 7.62
N PHE A 203 16.86 9.21 8.26
CA PHE A 203 15.65 8.73 7.59
C PHE A 203 14.67 9.92 7.38
N THR A 204 14.07 10.00 6.21
CA THR A 204 13.03 11.02 5.87
C THR A 204 11.80 10.34 5.38
N SER A 205 10.69 11.05 5.27
N SER A 205 10.72 11.11 5.34
CA SER A 205 9.41 10.45 4.86
CA SER A 205 9.43 10.62 4.94
C SER A 205 8.97 9.30 5.73
C SER A 205 9.01 9.37 5.70
N THR A 206 9.28 9.36 7.01
CA THR A 206 8.85 8.30 7.95
C THR A 206 7.34 8.25 8.16
N ASN A 207 6.78 7.06 7.96
CA ASN A 207 5.36 6.80 8.09
C ASN A 207 5.09 6.03 9.36
N ILE A 208 4.01 6.38 10.04
CA ILE A 208 3.41 5.46 10.99
C ILE A 208 2.00 4.98 10.61
N ASP A 209 1.71 3.70 10.87
CA ASP A 209 0.39 3.12 10.70
C ASP A 209 -0.41 3.18 12.00
N LEU A 210 -1.65 3.66 11.88
CA LEU A 210 -2.63 3.62 12.90
C LEU A 210 -3.86 2.88 12.35
N ILE A 211 -4.63 2.26 13.25
CA ILE A 211 -5.92 1.66 12.89
C ILE A 211 -7.03 2.18 13.77
N TYR A 212 -8.14 2.59 13.14
CA TYR A 212 -9.37 2.99 13.87
C TYR A 212 -10.46 1.94 13.63
N GLY A 213 -11.26 1.71 14.64
CA GLY A 213 -12.24 0.60 14.63
C GLY A 213 -11.84 -0.65 15.44
N LEU A 214 -10.72 -0.58 16.15
CA LEU A 214 -10.26 -1.68 16.99
C LEU A 214 -11.10 -1.75 18.24
N PRO A 215 -11.11 -2.92 18.94
CA PRO A 215 -11.91 -3.09 20.14
C PRO A 215 -11.62 -2.08 21.19
N LYS A 216 -12.68 -1.58 21.74
CA LYS A 216 -12.70 -0.59 22.82
C LYS A 216 -12.25 0.83 22.41
N GLN A 217 -11.96 1.09 21.15
CA GLN A 217 -11.66 2.49 20.74
C GLN A 217 -12.92 3.30 20.71
N THR A 218 -12.86 4.53 21.15
CA THR A 218 -13.97 5.49 21.00
C THR A 218 -13.42 6.82 20.46
N PRO A 219 -14.27 7.76 20.05
CA PRO A 219 -13.82 9.12 19.69
C PRO A 219 -12.85 9.71 20.71
N GLU A 220 -13.19 9.58 21.98
N GLU A 220 -13.17 9.55 22.00
CA GLU A 220 -12.40 10.19 23.04
CA GLU A 220 -12.35 10.07 23.12
C GLU A 220 -11.02 9.45 23.26
C GLU A 220 -10.99 9.43 23.15
N SER A 221 -11.00 8.11 23.18
CA SER A 221 -9.72 7.37 23.24
C SER A 221 -8.84 7.65 22.01
N PHE A 222 -9.43 7.69 20.85
CA PHE A 222 -8.62 7.90 19.67
C PHE A 222 -8.07 9.37 19.61
N ALA A 223 -8.81 10.34 20.11
CA ALA A 223 -8.34 11.75 20.14
C ALA A 223 -7.09 11.87 21.02
N PHE A 224 -7.11 11.21 22.15
CA PHE A 224 -5.98 11.11 23.03
C PHE A 224 -4.75 10.43 22.39
N THR A 225 -4.96 9.32 21.68
CA THR A 225 -3.91 8.69 20.90
C THR A 225 -3.28 9.69 19.90
N LEU A 226 -4.11 10.46 19.19
CA LEU A 226 -3.67 11.41 18.19
C LEU A 226 -2.88 12.55 18.79
N LYS A 227 -3.25 13.02 19.99
CA LYS A 227 -2.46 14.00 20.68
C LYS A 227 -0.99 13.46 20.88
N ARG A 228 -0.83 12.22 21.29
N ARG A 228 -0.83 12.21 21.26
CA ARG A 228 0.50 11.68 21.43
CA ARG A 228 0.49 11.64 21.44
C ARG A 228 1.18 11.70 20.05
C ARG A 228 1.25 11.52 20.09
C ARG A 228 1.25 11.63 20.03
N VAL A 229 0.51 11.05 19.05
CA VAL A 229 1.03 10.99 17.69
C VAL A 229 1.52 12.38 17.26
N ALA A 230 0.87 13.45 17.67
CA ALA A 230 1.35 14.77 17.27
C ALA A 230 2.70 15.14 17.95
N GLU A 231 2.87 14.75 19.20
N GLU A 231 2.87 14.76 19.21
CA GLU A 231 4.15 14.90 19.90
CA GLU A 231 4.19 14.85 19.91
C GLU A 231 5.27 13.98 19.25
C GLU A 231 5.27 14.00 19.19
N LEU A 232 4.88 12.86 18.64
CA LEU A 232 5.84 11.95 17.97
C LEU A 232 6.33 12.51 16.66
N ASN A 233 5.45 13.29 16.02
CA ASN A 233 5.77 14.02 14.78
C ASN A 233 6.34 13.16 13.64
N PRO A 234 5.58 12.18 13.15
CA PRO A 234 5.95 11.44 11.97
C PRO A 234 5.85 12.33 10.77
N ASP A 235 6.53 11.97 9.69
CA ASP A 235 6.44 12.69 8.44
C ASP A 235 5.11 12.37 7.71
N ARG A 236 4.59 11.16 7.90
N ARG A 236 4.64 11.14 7.86
CA ARG A 236 3.44 10.68 7.18
CA ARG A 236 3.48 10.61 7.15
C ARG A 236 2.69 9.74 8.09
C ARG A 236 2.68 9.74 8.11
N LEU A 237 1.38 9.63 7.87
CA LEU A 237 0.51 8.74 8.64
C LEU A 237 -0.40 7.98 7.69
N SER A 238 -0.62 6.74 8.03
CA SER A 238 -1.60 5.92 7.37
C SER A 238 -2.57 5.48 8.44
N VAL A 239 -3.83 5.83 8.31
CA VAL A 239 -4.86 5.58 9.31
C VAL A 239 -5.92 4.68 8.65
N PHE A 240 -5.82 3.39 8.90
CA PHE A 240 -6.67 2.38 8.26
C PHE A 240 -7.90 2.12 9.04
N ASN A 241 -8.97 1.94 8.34
CA ASN A 241 -10.21 1.48 8.93
C ASN A 241 -10.06 -0.05 9.22
N TYR A 242 -10.39 -0.49 10.42
CA TYR A 242 -10.19 -1.92 10.74
C TYR A 242 -11.09 -2.78 9.87
N ALA A 243 -10.49 -3.70 9.13
CA ALA A 243 -11.28 -4.67 8.36
C ALA A 243 -11.37 -5.98 9.15
N HIS A 244 -12.56 -6.32 9.56
CA HIS A 244 -12.82 -7.42 10.49
C HIS A 244 -13.50 -8.53 9.70
N LEU A 245 -12.83 -9.65 9.53
CA LEU A 245 -13.42 -10.76 8.77
C LEU A 245 -12.89 -12.05 9.39
N PRO A 246 -13.34 -12.40 10.59
CA PRO A 246 -12.73 -13.53 11.37
C PRO A 246 -12.89 -14.89 10.71
N THR A 247 -13.80 -15.04 9.72
CA THR A 247 -13.86 -16.32 8.96
C THR A 247 -12.59 -16.60 8.18
N ILE A 248 -11.97 -15.54 7.66
N ILE A 248 -11.95 -15.55 7.63
CA ILE A 248 -10.78 -15.57 6.84
CA ILE A 248 -10.72 -15.71 6.83
C ILE A 248 -9.48 -15.40 7.66
C ILE A 248 -9.42 -15.15 7.47
N PHE A 249 -9.52 -14.49 8.63
CA PHE A 249 -8.32 -14.15 9.47
C PHE A 249 -8.55 -14.66 10.83
N ALA A 250 -8.01 -15.84 11.15
CA ALA A 250 -8.44 -16.59 12.34
C ALA A 250 -8.13 -15.88 13.65
N ALA A 251 -7.08 -15.13 13.69
CA ALA A 251 -6.74 -14.43 15.00
C ALA A 251 -7.77 -13.43 15.40
N GLN A 252 -8.47 -12.89 14.40
CA GLN A 252 -9.52 -11.91 14.71
C GLN A 252 -10.66 -12.53 15.50
N ARG A 253 -10.73 -13.86 15.54
CA ARG A 253 -11.73 -14.53 16.42
C ARG A 253 -11.48 -14.25 17.86
N LYS A 254 -10.27 -13.81 18.20
N LYS A 254 -10.26 -13.87 18.23
CA LYS A 254 -9.97 -13.43 19.59
CA LYS A 254 -9.97 -13.41 19.60
C LYS A 254 -10.48 -12.07 19.95
C LYS A 254 -10.74 -12.15 19.94
N ILE A 255 -10.93 -11.32 18.94
CA ILE A 255 -11.51 -10.01 19.15
C ILE A 255 -13.03 -10.21 19.33
N LYS A 256 -13.57 -9.64 20.40
N LYS A 256 -13.57 -9.56 20.32
CA LYS A 256 -15.00 -9.67 20.66
CA LYS A 256 -14.96 -9.70 20.62
C LYS A 256 -15.70 -8.60 19.78
C LYS A 256 -15.74 -8.61 19.83
N ASP A 257 -16.64 -9.05 18.96
CA ASP A 257 -17.44 -8.15 18.12
C ASP A 257 -18.14 -7.06 18.95
N ALA A 258 -18.59 -7.40 20.13
CA ALA A 258 -19.22 -6.43 20.98
C ALA A 258 -18.34 -5.29 21.47
N ASP A 259 -17.01 -5.46 21.45
CA ASP A 259 -16.10 -4.37 21.84
C ASP A 259 -15.86 -3.38 20.72
N LEU A 260 -16.24 -3.76 19.50
CA LEU A 260 -15.95 -2.88 18.35
C LEU A 260 -16.81 -1.66 18.44
N PRO A 261 -16.27 -0.54 18.02
CA PRO A 261 -17.09 0.69 18.01
C PRO A 261 -18.27 0.65 17.04
N SER A 262 -19.34 1.34 17.42
CA SER A 262 -20.53 1.49 16.62
C SER A 262 -20.15 2.24 15.36
N PRO A 263 -20.93 2.12 14.31
CA PRO A 263 -20.70 2.88 13.08
C PRO A 263 -20.65 4.43 13.26
N GLN A 264 -21.50 5.00 14.10
N GLN A 264 -21.53 4.99 14.13
CA GLN A 264 -21.46 6.44 14.38
CA GLN A 264 -21.47 6.42 14.53
C GLN A 264 -20.10 6.78 15.09
C GLN A 264 -20.10 6.75 15.09
N GLN A 265 -19.65 5.92 16.02
CA GLN A 265 -18.38 6.12 16.66
C GLN A 265 -17.22 6.13 15.62
N LYS A 266 -17.25 5.22 14.65
N LYS A 266 -17.26 5.21 14.66
CA LYS A 266 -16.16 5.14 13.67
CA LYS A 266 -16.21 5.11 13.66
C LYS A 266 -16.16 6.40 12.75
C LYS A 266 -16.16 6.40 12.80
N LEU A 267 -17.33 6.90 12.44
CA LEU A 267 -17.47 8.12 11.66
C LEU A 267 -16.96 9.31 12.44
N ASP A 268 -17.25 9.36 13.73
CA ASP A 268 -16.78 10.47 14.56
C ASP A 268 -15.23 10.37 14.72
N ILE A 269 -14.69 9.17 14.84
CA ILE A 269 -13.22 8.96 14.87
C ILE A 269 -12.61 9.50 13.61
N LEU A 270 -13.21 9.19 12.48
CA LEU A 270 -12.60 9.57 11.22
C LEU A 270 -12.70 11.08 11.01
N GLN A 271 -13.86 11.67 11.28
CA GLN A 271 -14.05 13.07 11.07
C GLN A 271 -13.10 13.90 11.95
N GLU A 272 -12.97 13.51 13.22
N GLU A 272 -13.00 13.53 13.24
CA GLU A 272 -12.14 14.23 14.16
CA GLU A 272 -12.10 14.21 14.21
C GLU A 272 -10.63 14.03 13.81
C GLU A 272 -10.62 14.01 13.85
N THR A 273 -10.27 12.85 13.33
CA THR A 273 -8.93 12.53 12.90
C THR A 273 -8.49 13.46 11.77
N ILE A 274 -9.34 13.60 10.75
CA ILE A 274 -9.02 14.41 9.61
C ILE A 274 -8.87 15.86 10.12
N ALA A 275 -9.80 16.39 10.91
CA ALA A 275 -9.64 17.73 11.44
C ALA A 275 -8.36 17.95 12.28
N PHE A 276 -8.05 17.00 13.14
CA PHE A 276 -6.94 17.17 14.01
C PHE A 276 -5.58 17.05 13.26
N LEU A 277 -5.50 16.12 12.31
CA LEU A 277 -4.32 16.03 11.50
C LEU A 277 -4.10 17.32 10.64
N THR A 278 -5.19 17.91 10.13
N THR A 278 -5.17 17.95 10.12
CA THR A 278 -5.11 19.13 9.38
CA THR A 278 -5.02 19.19 9.34
C THR A 278 -4.56 20.32 10.26
C THR A 278 -4.67 20.48 10.20
N GLN A 279 -5.17 20.45 11.45
CA GLN A 279 -4.68 21.34 12.47
C GLN A 279 -3.16 21.11 12.81
N SER A 280 -2.70 19.84 12.73
CA SER A 280 -1.33 19.46 13.05
C SER A 280 -0.33 19.59 11.88
N GLY A 281 -0.81 20.10 10.72
CA GLY A 281 0.02 20.35 9.57
C GLY A 281 0.10 19.21 8.61
N TYR A 282 -0.79 18.24 8.68
CA TYR A 282 -0.80 17.16 7.68
C TYR A 282 -1.92 17.37 6.59
N GLN A 283 -1.56 17.30 5.32
CA GLN A 283 -2.55 17.24 4.23
C GLN A 283 -3.15 15.83 4.12
N PHE A 284 -4.47 15.73 4.06
CA PHE A 284 -5.12 14.44 3.69
C PHE A 284 -4.86 14.19 2.16
N ILE A 285 -4.02 13.24 1.81
CA ILE A 285 -3.67 12.94 0.42
C ILE A 285 -4.83 12.15 -0.22
N GLY A 286 -5.27 11.15 0.46
CA GLY A 286 -6.36 10.34 0.00
C GLY A 286 -6.31 8.97 0.60
N MET A 287 -7.50 8.39 0.71
N MET A 287 -7.43 8.27 0.37
CA MET A 287 -7.69 7.09 1.28
CA MET A 287 -7.63 6.91 0.78
C MET A 287 -7.19 7.04 2.74
C MET A 287 -7.73 6.93 2.33
N ASP A 288 -6.12 6.32 2.94
N ASP A 288 -6.52 6.84 2.90
N ASP A 288 -5.94 6.12 2.65
CA ASP A 288 -5.65 6.11 4.28
CA ASP A 288 -6.16 6.65 4.31
CA ASP A 288 -5.93 6.39 4.09
C ASP A 288 -4.55 7.12 4.66
C ASP A 288 -4.88 7.45 4.73
C ASP A 288 -4.64 7.11 4.55
N HIS A 289 -4.19 8.04 3.74
CA HIS A 289 -2.86 8.62 3.87
C HIS A 289 -2.83 10.09 4.07
N PHE A 290 -1.94 10.47 4.99
CA PHE A 290 -1.70 11.86 5.36
C PHE A 290 -0.23 12.18 5.25
N ALA A 291 0.08 13.37 4.74
CA ALA A 291 1.44 13.79 4.59
C ALA A 291 1.52 15.36 4.63
N ARG A 292 2.68 15.87 4.98
N ARG A 292 2.68 15.88 4.99
CA ARG A 292 2.89 17.32 5.07
CA ARG A 292 2.84 17.32 5.06
C ARG A 292 2.72 18.05 3.69
C ARG A 292 2.65 18.04 3.67
N PRO A 293 2.20 19.28 3.69
CA PRO A 293 2.04 20.03 2.42
C PRO A 293 3.22 20.06 1.46
N ASP A 294 4.45 19.97 1.98
N ASP A 294 4.46 20.02 1.97
CA ASP A 294 5.63 20.01 1.14
CA ASP A 294 5.66 20.04 1.12
C ASP A 294 6.22 18.63 0.83
C ASP A 294 6.33 18.62 1.08
N ASP A 295 5.52 17.59 1.26
CA ASP A 295 5.94 16.21 1.02
C ASP A 295 5.89 16.04 -0.48
N GLU A 296 6.84 15.29 -1.01
CA GLU A 296 6.89 14.96 -2.44
C GLU A 296 5.51 14.47 -2.96
N LEU A 297 4.79 13.71 -2.12
CA LEU A 297 3.47 13.19 -2.49
C LEU A 297 2.42 14.29 -2.58
N ALA A 298 2.40 15.18 -1.63
CA ALA A 298 1.49 16.33 -1.70
C ALA A 298 1.81 17.29 -2.87
N VAL A 299 3.09 17.45 -3.17
CA VAL A 299 3.51 18.33 -4.26
C VAL A 299 3.03 17.71 -5.56
N ALA A 300 3.29 16.41 -5.73
CA ALA A 300 2.97 15.74 -6.96
C ALA A 300 1.48 15.82 -7.15
N GLN A 301 0.71 15.57 -6.07
CA GLN A 301 -0.74 15.57 -6.17
C GLN A 301 -1.28 16.90 -6.68
N ARG A 302 -0.81 17.99 -6.10
CA ARG A 302 -1.16 19.34 -6.60
C ARG A 302 -0.83 19.49 -8.09
N GLU A 303 0.34 19.00 -8.47
CA GLU A 303 0.80 19.07 -9.87
C GLU A 303 0.13 18.05 -10.79
N GLY A 304 -0.74 17.21 -10.27
CA GLY A 304 -1.56 16.34 -11.09
C GLY A 304 -0.84 15.08 -11.55
N VAL A 305 0.26 14.74 -10.88
CA VAL A 305 1.08 13.59 -11.27
C VAL A 305 1.41 12.66 -10.09
N LEU A 306 0.47 12.51 -9.17
CA LEU A 306 0.64 11.53 -8.14
C LEU A 306 0.31 10.14 -8.73
N HIS A 307 1.02 9.11 -8.27
CA HIS A 307 0.81 7.72 -8.70
C HIS A 307 0.60 6.79 -7.56
N ARG A 308 0.34 5.53 -7.91
CA ARG A 308 -0.02 4.50 -6.93
C ARG A 308 0.38 3.06 -7.37
N ASN A 309 0.92 2.28 -6.45
N ASN A 309 0.94 2.29 -6.45
CA ASN A 309 1.20 0.87 -6.71
CA ASN A 309 1.23 0.88 -6.70
C ASN A 309 0.58 0.09 -5.58
C ASN A 309 0.60 0.10 -5.57
N PHE A 310 0.91 -1.19 -5.42
CA PHE A 310 0.35 -1.97 -4.34
C PHE A 310 0.75 -1.52 -2.97
N GLN A 311 1.92 -0.92 -2.82
CA GLN A 311 2.36 -0.48 -1.51
C GLN A 311 1.66 0.85 -1.19
N GLY A 312 1.22 1.62 -2.18
CA GLY A 312 0.52 2.88 -1.92
C GLY A 312 0.92 4.01 -2.82
N TYR A 313 0.71 5.24 -2.35
CA TYR A 313 1.03 6.39 -3.18
C TYR A 313 2.54 6.53 -3.43
N THR A 314 2.89 7.08 -4.58
CA THR A 314 4.27 7.22 -4.97
C THR A 314 4.42 8.24 -6.05
N THR A 315 5.58 8.91 -6.10
CA THR A 315 5.94 9.81 -7.22
C THR A 315 6.38 9.11 -8.52
N GLN A 316 6.80 7.86 -8.41
CA GLN A 316 7.37 7.10 -9.53
C GLN A 316 6.29 6.29 -10.27
N GLY A 317 5.80 6.87 -11.36
CA GLY A 317 4.88 6.17 -12.25
C GLY A 317 5.60 5.61 -13.46
N ASP A 318 4.89 4.76 -14.20
CA ASP A 318 5.44 4.06 -15.37
C ASP A 318 6.74 3.33 -15.00
N THR A 319 6.71 2.56 -13.90
CA THR A 319 7.75 1.58 -13.63
C THR A 319 7.18 0.18 -13.79
N ASP A 320 8.04 -0.79 -14.11
CA ASP A 320 7.68 -2.16 -13.98
C ASP A 320 8.06 -2.54 -12.54
N LEU A 321 7.20 -3.33 -11.88
CA LEU A 321 7.39 -3.70 -10.49
C LEU A 321 7.54 -5.21 -10.43
N LEU A 322 8.69 -5.67 -9.97
CA LEU A 322 8.93 -7.06 -9.77
C LEU A 322 8.81 -7.40 -8.29
N GLY A 323 7.96 -8.35 -8.01
CA GLY A 323 7.68 -8.75 -6.67
C GLY A 323 8.29 -10.13 -6.43
N MET A 324 9.06 -10.24 -5.35
N MET A 324 9.02 -10.26 -5.34
CA MET A 324 9.76 -11.51 -5.01
CA MET A 324 9.70 -11.54 -5.01
C MET A 324 9.31 -11.96 -3.62
C MET A 324 9.31 -11.96 -3.62
N GLY A 325 9.31 -13.26 -3.38
CA GLY A 325 8.91 -13.83 -2.11
C GLY A 325 7.43 -14.29 -2.10
N VAL A 326 7.08 -14.99 -1.05
CA VAL A 326 5.76 -15.56 -0.93
C VAL A 326 4.68 -14.44 -1.00
N SER A 327 3.64 -14.65 -1.82
CA SER A 327 2.52 -13.77 -2.08
C SER A 327 2.84 -12.54 -2.92
N ALA A 328 4.11 -12.32 -3.31
CA ALA A 328 4.50 -11.10 -3.96
C ALA A 328 3.85 -10.93 -5.31
N ILE A 329 3.28 -9.74 -5.50
CA ILE A 329 2.72 -9.28 -6.78
C ILE A 329 3.65 -8.43 -7.61
N SER A 330 3.71 -8.74 -8.89
CA SER A 330 4.46 -7.98 -9.90
C SER A 330 3.45 -7.25 -10.81
N MET A 331 3.77 -6.02 -11.23
CA MET A 331 3.04 -5.27 -12.22
C MET A 331 4.02 -4.92 -13.35
N ILE A 332 3.97 -5.71 -14.42
CA ILE A 332 4.98 -5.62 -15.45
C ILE A 332 4.31 -5.66 -16.84
N GLY A 333 4.68 -4.78 -17.70
CA GLY A 333 4.25 -4.85 -19.11
C GLY A 333 2.73 -5.05 -19.35
N ASP A 334 1.91 -4.25 -18.69
CA ASP A 334 0.47 -4.41 -18.65
C ASP A 334 -0.05 -5.81 -18.21
N CYS A 335 0.67 -6.44 -17.26
CA CYS A 335 0.20 -7.68 -16.65
C CYS A 335 0.39 -7.59 -15.14
N TYR A 336 -0.43 -8.32 -14.41
N TYR A 336 -0.43 -8.39 -14.45
CA TYR A 336 -0.21 -8.59 -13.00
CA TYR A 336 -0.26 -8.70 -13.05
C TYR A 336 0.09 -10.10 -12.86
C TYR A 336 0.18 -10.14 -12.95
N ALA A 337 1.03 -10.43 -11.97
CA ALA A 337 1.42 -11.80 -11.71
C ALA A 337 1.74 -11.93 -10.24
N GLN A 338 1.30 -13.03 -9.64
CA GLN A 338 1.52 -13.21 -8.22
C GLN A 338 2.17 -14.54 -7.96
N ASN A 339 3.12 -14.52 -7.05
CA ASN A 339 3.70 -15.73 -6.49
C ASN A 339 2.73 -16.49 -5.59
N GLN A 340 2.92 -17.80 -5.52
CA GLN A 340 2.34 -18.68 -4.49
C GLN A 340 2.21 -17.94 -3.16
N LYS A 341 1.03 -18.01 -2.57
N LYS A 341 1.02 -17.98 -2.58
N LYS A 341 1.01 -17.91 -2.58
CA LYS A 341 0.77 -17.40 -1.29
CA LYS A 341 0.70 -17.30 -1.32
CA LYS A 341 0.75 -17.06 -1.41
C LYS A 341 1.00 -18.32 -0.09
C LYS A 341 1.06 -18.13 -0.08
C LYS A 341 1.07 -17.74 -0.06
N GLU A 342 1.16 -19.58 -0.28
N GLU A 342 1.06 -19.43 -0.22
CA GLU A 342 1.47 -20.44 0.86
CA GLU A 342 1.39 -20.27 0.91
C GLU A 342 2.92 -20.78 0.75
C GLU A 342 2.85 -20.72 0.75
N LEU A 343 3.57 -20.69 1.87
CA LEU A 343 4.97 -20.87 1.92
C LEU A 343 5.48 -22.20 1.41
N LYS A 344 4.78 -23.29 1.74
CA LYS A 344 5.23 -24.59 1.33
C LYS A 344 5.17 -24.69 -0.20
N GLN A 345 4.25 -24.04 -0.87
N GLN A 345 3.95 -24.28 -0.64
CA GLN A 345 4.23 -24.22 -2.40
CA GLN A 345 3.57 -23.74 -2.04
C GLN A 345 5.20 -23.14 -3.01
C GLN A 345 4.91 -23.14 -2.83
N TYR A 346 5.36 -21.98 -2.35
CA TYR A 346 6.40 -21.10 -2.78
C TYR A 346 7.76 -21.86 -2.80
N TYR A 347 8.11 -22.53 -1.70
CA TYR A 347 9.36 -23.25 -1.61
C TYR A 347 9.46 -24.33 -2.63
N GLN A 348 8.43 -25.13 -2.74
CA GLN A 348 8.43 -26.24 -3.67
C GLN A 348 8.58 -25.79 -5.12
N GLN A 349 7.88 -24.73 -5.51
CA GLN A 349 8.02 -24.29 -6.91
C GLN A 349 9.36 -23.61 -7.16
N VAL A 350 9.87 -22.83 -6.20
CA VAL A 350 11.18 -22.21 -6.40
C VAL A 350 12.25 -23.33 -6.58
N ASP A 351 12.14 -24.35 -5.75
CA ASP A 351 13.10 -25.45 -5.81
C ASP A 351 13.03 -26.16 -7.16
N GLU A 352 11.81 -26.40 -7.64
CA GLU A 352 11.66 -27.16 -8.88
C GLU A 352 11.84 -26.35 -10.14
N GLN A 353 11.48 -25.08 -10.13
CA GLN A 353 11.40 -24.27 -11.40
C GLN A 353 12.25 -22.98 -11.30
N GLY A 354 12.71 -22.63 -10.13
CA GLY A 354 13.40 -21.35 -9.93
C GLY A 354 12.54 -20.10 -9.80
N ASN A 355 11.22 -20.28 -9.86
CA ASN A 355 10.26 -19.21 -9.60
C ASN A 355 8.99 -19.77 -8.92
N ALA A 356 8.16 -18.87 -8.44
CA ALA A 356 6.95 -19.26 -7.75
C ALA A 356 5.71 -18.67 -8.41
N LEU A 357 5.77 -18.38 -9.69
CA LEU A 357 4.61 -17.81 -10.39
C LEU A 357 3.41 -18.72 -10.24
N TRP A 358 2.34 -18.15 -9.72
CA TRP A 358 1.10 -18.86 -9.41
C TRP A 358 -0.05 -18.48 -10.32
N ARG A 359 -0.36 -17.19 -10.35
CA ARG A 359 -1.50 -16.72 -11.11
C ARG A 359 -1.29 -15.29 -11.56
N GLY A 360 -2.13 -14.83 -12.48
CA GLY A 360 -2.06 -13.45 -12.91
C GLY A 360 -3.04 -13.11 -14.00
N ILE A 361 -2.87 -11.94 -14.60
N ILE A 361 -2.83 -11.97 -14.65
CA ILE A 361 -3.72 -11.46 -15.70
CA ILE A 361 -3.66 -11.55 -15.77
C ILE A 361 -2.95 -10.59 -16.70
C ILE A 361 -2.95 -10.61 -16.71
N ALA A 362 -3.21 -10.79 -17.99
CA ALA A 362 -2.73 -9.88 -19.02
C ALA A 362 -3.89 -8.92 -19.25
N LEU A 363 -3.71 -7.65 -18.95
CA LEU A 363 -4.77 -6.70 -19.09
C LEU A 363 -5.13 -6.46 -20.59
N THR A 364 -6.39 -6.46 -20.90
CA THR A 364 -6.87 -6.02 -22.22
C THR A 364 -6.70 -4.50 -22.41
N ARG A 365 -7.01 -4.02 -23.62
N ARG A 365 -7.04 -4.01 -23.62
CA ARG A 365 -7.00 -2.59 -23.90
CA ARG A 365 -7.01 -2.55 -23.94
C ARG A 365 -7.92 -1.82 -22.97
C ARG A 365 -7.94 -1.75 -23.03
N ASP A 366 -9.13 -2.32 -22.85
CA ASP A 366 -10.14 -1.77 -21.98
C ASP A 366 -9.69 -1.78 -20.50
N ASP A 367 -9.08 -2.89 -20.04
CA ASP A 367 -8.52 -2.98 -18.67
C ASP A 367 -7.53 -1.83 -18.50
N CYS A 368 -6.68 -1.62 -19.51
CA CYS A 368 -5.59 -0.62 -19.35
C CYS A 368 -6.11 0.79 -19.28
N ILE A 369 -7.06 1.11 -20.13
N ILE A 369 -7.13 1.10 -20.08
CA ILE A 369 -7.66 2.41 -20.11
CA ILE A 369 -7.64 2.45 -20.11
C ILE A 369 -8.14 2.63 -18.65
C ILE A 369 -8.30 2.75 -18.75
N ARG A 370 -9.05 1.75 -18.25
CA ARG A 370 -9.86 1.93 -17.06
C ARG A 370 -8.95 1.99 -15.85
N ARG A 371 -7.85 1.23 -15.89
CA ARG A 371 -6.82 1.36 -14.87
C ARG A 371 -6.35 2.80 -14.81
N ASP A 372 -6.08 3.37 -15.96
CA ASP A 372 -5.57 4.75 -16.00
C ASP A 372 -6.64 5.78 -15.56
N VAL A 373 -7.91 5.55 -15.87
CA VAL A 373 -8.99 6.40 -15.37
C VAL A 373 -9.04 6.37 -13.84
N ILE A 374 -9.03 5.15 -13.31
CA ILE A 374 -9.19 4.93 -11.90
C ILE A 374 -7.97 5.48 -11.15
N LYS A 375 -6.74 5.22 -11.64
CA LYS A 375 -5.51 5.76 -11.02
C LYS A 375 -5.54 7.26 -10.95
N SER A 376 -5.88 7.91 -12.05
CA SER A 376 -6.07 9.37 -12.05
C SER A 376 -7.08 9.89 -11.02
N LEU A 377 -8.20 9.22 -10.83
CA LEU A 377 -9.23 9.68 -9.91
C LEU A 377 -8.77 9.50 -8.46
N ILE A 378 -8.16 8.36 -8.20
N ILE A 378 -8.11 8.39 -8.21
CA ILE A 378 -7.70 7.97 -6.85
CA ILE A 378 -7.75 7.98 -6.85
C ILE A 378 -6.56 8.86 -6.37
C ILE A 378 -6.43 8.60 -6.36
N CYS A 379 -5.64 9.18 -7.27
CA CYS A 379 -4.41 9.91 -6.92
C CYS A 379 -4.55 11.42 -7.03
N ASN A 380 -5.21 11.90 -8.10
CA ASN A 380 -5.34 13.34 -8.39
C ASN A 380 -6.72 13.96 -8.15
N PHE A 381 -7.70 13.12 -7.86
CA PHE A 381 -9.06 13.58 -7.59
C PHE A 381 -9.66 14.41 -8.74
N ARG A 382 -9.25 14.07 -9.96
N ARG A 382 -9.25 14.05 -9.96
N ARG A 382 -9.24 14.06 -9.95
CA ARG A 382 -9.81 14.63 -11.17
CA ARG A 382 -9.74 14.68 -11.18
CA ARG A 382 -9.74 14.68 -11.18
C ARG A 382 -9.43 13.79 -12.38
C ARG A 382 -9.42 13.79 -12.39
C ARG A 382 -9.42 13.79 -12.39
N LEU A 383 -10.12 14.04 -13.49
CA LEU A 383 -9.89 13.30 -14.74
C LEU A 383 -10.18 14.23 -15.95
N ASP A 384 -9.11 14.53 -16.66
CA ASP A 384 -9.15 15.27 -17.91
C ASP A 384 -9.47 14.28 -19.03
N TYR A 385 -10.59 14.44 -19.75
CA TYR A 385 -10.92 13.47 -20.81
C TYR A 385 -9.90 13.50 -21.92
N SER A 386 -9.47 14.68 -22.30
CA SER A 386 -8.69 14.87 -23.55
C SER A 386 -7.45 13.94 -23.68
N PRO A 387 -6.55 13.93 -22.68
CA PRO A 387 -5.39 12.99 -22.66
C PRO A 387 -5.74 11.50 -22.86
N ILE A 388 -6.79 11.01 -22.19
CA ILE A 388 -7.24 9.63 -22.39
C ILE A 388 -7.73 9.41 -23.84
N GLU A 389 -8.49 10.37 -24.35
CA GLU A 389 -8.92 10.37 -25.77
C GLU A 389 -7.78 10.32 -26.81
N GLN A 390 -6.64 10.97 -26.51
N GLN A 390 -6.65 10.94 -26.49
CA GLN A 390 -5.48 10.98 -27.41
CA GLN A 390 -5.53 11.02 -27.43
C GLN A 390 -4.77 9.65 -27.34
C GLN A 390 -4.68 9.73 -27.36
N GLN A 391 -4.24 9.34 -26.16
CA GLN A 391 -3.47 8.10 -25.96
C GLN A 391 -4.15 6.85 -26.50
N TRP A 392 -5.48 6.74 -26.30
CA TRP A 392 -6.24 5.54 -26.64
C TRP A 392 -7.20 5.67 -27.84
N ASP A 393 -7.16 6.80 -28.55
CA ASP A 393 -7.95 7.03 -29.78
C ASP A 393 -9.44 6.70 -29.55
N LEU A 394 -10.02 7.32 -28.52
CA LEU A 394 -11.45 7.16 -28.26
C LEU A 394 -12.13 8.50 -27.98
N LEU A 395 -13.47 8.52 -28.05
CA LEU A 395 -14.26 9.66 -27.57
C LEU A 395 -14.92 9.24 -26.28
N PHE A 396 -14.56 9.93 -25.19
CA PHE A 396 -14.95 9.55 -23.84
C PHE A 396 -16.40 9.27 -23.62
N ALA A 397 -17.27 10.16 -24.12
CA ALA A 397 -18.68 10.03 -23.82
C ALA A 397 -19.21 8.62 -24.24
N ASP A 398 -18.54 7.99 -25.22
N ASP A 398 -18.58 8.01 -25.25
CA ASP A 398 -19.14 6.85 -25.94
CA ASP A 398 -19.21 6.87 -25.95
C ASP A 398 -18.61 5.66 -25.32
C ASP A 398 -18.63 5.60 -25.44
N TYR A 399 -17.30 5.61 -25.32
CA TYR A 399 -16.62 4.53 -24.77
C TYR A 399 -17.08 4.30 -23.30
N PHE A 400 -17.39 5.40 -22.61
CA PHE A 400 -17.85 5.36 -21.24
C PHE A 400 -19.32 5.79 -20.99
N ALA A 401 -20.18 5.73 -22.00
CA ALA A 401 -21.58 6.10 -21.82
C ALA A 401 -22.19 5.43 -20.58
N GLU A 402 -22.09 4.12 -20.53
N GLU A 402 -22.05 4.09 -20.50
CA GLU A 402 -22.61 3.28 -19.45
CA GLU A 402 -22.62 3.28 -19.41
C GLU A 402 -22.12 3.79 -18.07
C GLU A 402 -22.13 3.81 -18.06
N ASP A 403 -20.82 4.04 -17.99
CA ASP A 403 -20.16 4.49 -16.75
C ASP A 403 -20.64 5.86 -16.28
N LEU A 404 -20.84 6.77 -17.24
CA LEU A 404 -21.34 8.11 -16.97
C LEU A 404 -22.77 8.10 -16.42
N LYS A 405 -23.58 7.15 -16.91
N LYS A 405 -23.60 7.17 -16.86
CA LYS A 405 -24.97 6.98 -16.44
CA LYS A 405 -24.98 7.15 -16.37
C LYS A 405 -24.93 6.60 -14.95
C LYS A 405 -25.02 6.52 -14.96
N LEU A 406 -24.05 5.66 -14.62
CA LEU A 406 -23.85 5.21 -13.23
C LEU A 406 -23.36 6.39 -12.40
N LEU A 407 -22.59 7.28 -13.04
CA LEU A 407 -22.03 8.45 -12.39
C LEU A 407 -23.06 9.55 -12.10
N ALA A 408 -24.07 9.68 -12.95
CA ALA A 408 -25.02 10.80 -12.87
C ALA A 408 -25.63 11.01 -11.48
N PRO A 409 -26.22 9.97 -10.88
CA PRO A 409 -26.79 10.11 -9.54
C PRO A 409 -25.77 10.66 -8.51
N LEU A 410 -24.53 10.16 -8.59
N LEU A 410 -24.53 10.18 -8.55
CA LEU A 410 -23.44 10.64 -7.74
CA LEU A 410 -23.53 10.72 -7.62
C LEU A 410 -23.14 12.14 -7.98
C LEU A 410 -23.14 12.18 -7.96
N ALA A 411 -23.11 12.54 -9.25
CA ALA A 411 -22.86 13.94 -9.66
C ALA A 411 -23.96 14.91 -9.20
N LYS A 412 -25.22 14.45 -9.24
CA LYS A 412 -26.32 15.29 -8.77
C LYS A 412 -26.27 15.42 -7.25
N ASP A 413 -25.63 14.46 -6.58
CA ASP A 413 -25.40 14.49 -5.13
C ASP A 413 -24.18 15.34 -4.70
N GLY A 414 -23.43 15.88 -5.66
CA GLY A 414 -22.34 16.81 -5.35
C GLY A 414 -21.02 16.13 -4.98
N LEU A 415 -20.93 14.81 -5.22
CA LEU A 415 -19.68 14.09 -5.05
C LEU A 415 -18.65 14.50 -6.09
N VAL A 416 -19.11 14.77 -7.30
CA VAL A 416 -18.24 15.21 -8.38
C VAL A 416 -18.95 16.29 -9.21
N ASP A 417 -18.18 17.23 -9.77
CA ASP A 417 -18.63 18.11 -10.86
C ASP A 417 -18.14 17.52 -12.18
N VAL A 418 -19.05 17.33 -13.14
CA VAL A 418 -18.68 16.67 -14.39
C VAL A 418 -19.30 17.45 -15.57
N ASP A 419 -18.58 17.44 -16.68
CA ASP A 419 -19.06 18.07 -17.90
C ASP A 419 -18.50 17.31 -19.12
N GLU A 420 -18.58 17.99 -20.27
CA GLU A 420 -18.13 17.45 -21.57
C GLU A 420 -16.61 17.33 -21.71
N LYS A 421 -15.84 18.03 -20.84
CA LYS A 421 -14.36 17.97 -20.85
C LYS A 421 -13.64 17.09 -19.76
N GLY A 422 -14.33 16.77 -18.67
CA GLY A 422 -13.72 16.04 -17.55
C GLY A 422 -14.59 15.86 -16.30
N ILE A 423 -13.96 15.32 -15.25
CA ILE A 423 -14.58 15.13 -13.94
C ILE A 423 -13.67 15.73 -12.87
N GLN A 424 -14.29 16.46 -11.95
CA GLN A 424 -13.62 16.96 -10.76
C GLN A 424 -14.30 16.31 -9.55
N VAL A 425 -13.53 15.65 -8.70
CA VAL A 425 -14.04 15.17 -7.40
C VAL A 425 -14.08 16.40 -6.49
N THR A 426 -15.21 16.59 -5.83
CA THR A 426 -15.43 17.76 -5.01
C THR A 426 -14.90 17.52 -3.63
N ALA A 427 -14.83 18.59 -2.85
CA ALA A 427 -14.46 18.50 -1.44
C ALA A 427 -15.31 17.45 -0.70
N LYS A 428 -16.61 17.46 -0.97
CA LYS A 428 -17.55 16.49 -0.43
C LYS A 428 -17.34 15.03 -0.96
N GLY A 429 -16.96 14.87 -2.22
CA GLY A 429 -16.75 13.55 -2.80
C GLY A 429 -15.41 12.84 -2.52
N ARG A 430 -14.44 13.54 -1.95
CA ARG A 430 -13.09 12.94 -1.81
C ARG A 430 -13.11 11.66 -0.94
N LEU A 431 -13.84 11.69 0.17
N LEU A 431 -13.85 11.72 0.16
CA LEU A 431 -13.93 10.51 1.04
CA LEU A 431 -14.02 10.58 1.07
C LEU A 431 -14.71 9.34 0.40
C LEU A 431 -14.69 9.38 0.38
N LEU A 432 -15.48 9.67 -0.65
CA LEU A 432 -16.28 8.68 -1.38
C LEU A 432 -15.67 8.36 -2.73
N ILE A 433 -14.35 8.40 -2.81
CA ILE A 433 -13.66 8.15 -4.06
C ILE A 433 -13.85 6.73 -4.60
N ARG A 434 -13.93 5.74 -3.71
CA ARG A 434 -14.13 4.35 -4.13
C ARG A 434 -15.50 4.21 -4.81
N ASN A 435 -16.52 4.90 -4.27
CA ASN A 435 -17.84 4.98 -4.92
C ASN A 435 -17.72 5.48 -6.34
N ILE A 436 -16.99 6.59 -6.53
CA ILE A 436 -16.83 7.18 -7.86
C ILE A 436 -16.10 6.24 -8.82
N CYS A 437 -15.00 5.65 -8.35
CA CYS A 437 -14.20 4.75 -9.17
C CYS A 437 -15.00 3.52 -9.60
N MET A 438 -15.89 3.07 -8.73
CA MET A 438 -16.73 1.90 -8.97
C MET A 438 -17.62 2.05 -10.22
N CYS A 439 -17.94 3.29 -10.61
CA CYS A 439 -18.74 3.52 -11.84
C CYS A 439 -18.04 3.08 -13.11
N PHE A 440 -16.73 2.96 -13.02
CA PHE A 440 -15.87 2.54 -14.12
C PHE A 440 -15.43 1.06 -14.07
N ASP A 441 -15.91 0.30 -13.09
CA ASP A 441 -15.44 -1.08 -12.92
C ASP A 441 -16.37 -2.06 -13.66
N THR A 442 -15.88 -2.69 -14.72
CA THR A 442 -16.70 -3.60 -15.50
C THR A 442 -16.92 -4.95 -14.82
N TYR A 443 -16.04 -5.29 -13.88
CA TYR A 443 -16.06 -6.62 -13.26
C TYR A 443 -17.27 -6.84 -12.35
N LEU A 444 -17.70 -5.80 -11.64
N LEU A 444 -17.77 -5.72 -11.79
CA LEU A 444 -18.86 -5.92 -10.74
CA LEU A 444 -19.15 -5.60 -11.28
C LEU A 444 -20.17 -6.18 -11.53
C LEU A 444 -20.16 -6.38 -12.14
#